data_6S5W
#
_entry.id   6S5W
#
_cell.length_a   43.370
_cell.length_b   147.810
_cell.length_c   56.620
_cell.angle_alpha   90.00
_cell.angle_beta   90.00
_cell.angle_gamma   90.00
#
_symmetry.space_group_name_H-M   'C 2 2 21'
#
loop_
_entity.id
_entity.type
_entity.pdbx_description
1 polymer 'Surface protein'
2 non-polymer 'SULFATE ION'
3 non-polymer 'SODIUM ION'
4 water water
#
_entity_poly.entity_id   1
_entity_poly.type   'polypeptide(L)'
_entity_poly.pdbx_seq_one_letter_code
;GPAMGQTADDHNPKYEDVDVKPGETNKVTPTNTDKDGNPANIPDGTKFEKDPDAPSWVEVDPNTGELTVAPPEGTPSGGH
EIKVKVTYPDGSTDEVPVTVKVSDPTTP
;
_entity_poly.pdbx_strand_id   A,B
#
# COMPACT_ATOMS: atom_id res chain seq x y z
N ALA A 3 -16.46 -39.98 1.93
CA ALA A 3 -16.63 -38.60 2.40
C ALA A 3 -17.51 -37.82 1.42
N MET A 4 -18.57 -37.23 1.94
N MET A 4 -18.57 -37.22 1.94
CA MET A 4 -19.53 -36.49 1.13
CA MET A 4 -19.53 -36.49 1.14
C MET A 4 -19.20 -35.01 1.15
C MET A 4 -19.20 -35.00 1.15
N GLY A 5 -19.62 -34.31 0.10
CA GLY A 5 -19.51 -32.87 0.03
C GLY A 5 -18.45 -32.37 -0.94
N GLN A 6 -18.17 -31.08 -0.80
CA GLN A 6 -17.30 -30.36 -1.72
C GLN A 6 -16.13 -29.76 -0.97
N THR A 7 -15.04 -29.57 -1.71
CA THR A 7 -13.87 -28.93 -1.12
C THR A 7 -14.23 -27.55 -0.58
N ALA A 8 -15.13 -26.84 -1.27
CA ALA A 8 -15.52 -25.51 -0.82
C ALA A 8 -16.09 -25.51 0.59
N ASP A 9 -16.68 -26.64 1.02
CA ASP A 9 -17.26 -26.72 2.36
C ASP A 9 -16.21 -26.63 3.45
N ASP A 10 -14.96 -26.95 3.13
CA ASP A 10 -13.88 -27.08 4.11
C ASP A 10 -12.91 -25.92 4.08
N HIS A 11 -13.17 -24.90 3.26
CA HIS A 11 -12.27 -23.77 3.12
C HIS A 11 -13.05 -22.47 3.13
N ASN A 12 -12.39 -21.43 3.61
CA ASN A 12 -13.01 -20.12 3.80
C ASN A 12 -11.98 -19.06 3.50
N PRO A 13 -11.67 -18.85 2.22
CA PRO A 13 -10.70 -17.81 1.89
C PRO A 13 -11.22 -16.45 2.29
N LYS A 14 -10.30 -15.55 2.63
CA LYS A 14 -10.64 -14.22 3.07
C LYS A 14 -9.55 -13.26 2.61
N TYR A 15 -9.95 -12.05 2.24
CA TYR A 15 -9.01 -10.98 1.92
C TYR A 15 -9.19 -9.84 2.91
N GLU A 16 -8.08 -9.35 3.45
CA GLU A 16 -8.13 -8.13 4.25
C GLU A 16 -8.60 -6.96 3.39
N ASP A 17 -9.16 -5.95 4.05
CA ASP A 17 -9.53 -4.72 3.38
C ASP A 17 -8.29 -4.04 2.81
N VAL A 18 -8.47 -3.40 1.65
CA VAL A 18 -7.40 -2.69 0.96
C VAL A 18 -7.70 -1.19 1.00
N ASP A 19 -6.66 -0.41 1.27
CA ASP A 19 -6.74 1.05 1.25
C ASP A 19 -5.52 1.52 0.46
N VAL A 20 -5.76 2.11 -0.71
N VAL A 20 -5.75 2.00 -0.76
CA VAL A 20 -4.72 2.37 -1.69
CA VAL A 20 -4.69 2.40 -1.66
C VAL A 20 -4.93 3.74 -2.32
C VAL A 20 -4.92 3.84 -2.11
N LYS A 21 -3.84 4.51 -2.46
CA LYS A 21 -3.91 5.80 -3.12
C LYS A 21 -3.64 5.62 -4.61
N PRO A 22 -4.16 6.51 -5.46
CA PRO A 22 -3.74 6.52 -6.87
C PRO A 22 -2.23 6.52 -6.97
N GLY A 23 -1.70 5.68 -7.87
CA GLY A 23 -0.27 5.55 -8.05
C GLY A 23 0.43 4.56 -7.15
N GLU A 24 -0.25 4.05 -6.13
CA GLU A 24 0.32 3.02 -5.27
C GLU A 24 0.02 1.64 -5.84
N THR A 25 0.79 0.66 -5.38
CA THR A 25 0.54 -0.75 -5.67
C THR A 25 0.54 -1.50 -4.36
N ASN A 26 -0.57 -2.16 -4.04
CA ASN A 26 -0.66 -2.96 -2.84
C ASN A 26 -0.98 -4.39 -3.23
N LYS A 27 -0.50 -5.31 -2.41
CA LYS A 27 -0.62 -6.73 -2.65
C LYS A 27 -1.23 -7.38 -1.43
N VAL A 28 -2.20 -8.28 -1.66
CA VAL A 28 -2.91 -8.94 -0.58
C VAL A 28 -2.95 -10.43 -0.83
N THR A 29 -2.51 -11.18 0.13
CA THR A 29 -2.56 -12.63 0.11
C THR A 29 -3.83 -13.08 0.83
N PRO A 30 -4.66 -13.93 0.23
CA PRO A 30 -5.82 -14.43 0.96
C PRO A 30 -5.37 -15.33 2.10
N THR A 31 -6.05 -15.20 3.23
CA THR A 31 -5.91 -16.16 4.32
C THR A 31 -7.03 -17.19 4.20
N ASN A 32 -6.96 -18.23 5.01
CA ASN A 32 -7.91 -19.33 4.86
C ASN A 32 -8.05 -20.07 6.18
N THR A 33 -9.27 -20.52 6.46
CA THR A 33 -9.55 -21.34 7.63
C THR A 33 -10.50 -22.46 7.23
N ASP A 34 -10.49 -23.51 8.03
CA ASP A 34 -11.31 -24.70 7.78
C ASP A 34 -12.68 -24.53 8.44
N LYS A 35 -13.47 -25.61 8.45
CA LYS A 35 -14.83 -25.54 8.98
C LYS A 35 -14.84 -25.26 10.47
N ASP A 36 -13.76 -25.58 11.18
CA ASP A 36 -13.66 -25.30 12.60
C ASP A 36 -13.17 -23.90 12.90
N GLY A 37 -12.78 -23.14 11.89
CA GLY A 37 -12.24 -21.80 12.10
C GLY A 37 -10.75 -21.74 12.28
N ASN A 38 -10.04 -22.84 12.04
CA ASN A 38 -8.60 -22.81 12.25
C ASN A 38 -7.85 -22.64 10.94
N PRO A 39 -6.68 -21.98 10.98
CA PRO A 39 -5.91 -21.76 9.75
C PRO A 39 -5.64 -23.06 9.00
N ALA A 40 -5.73 -22.98 7.68
CA ALA A 40 -5.48 -24.11 6.81
C ALA A 40 -5.00 -23.56 5.48
N ASN A 41 -4.15 -24.34 4.80
CA ASN A 41 -3.70 -23.95 3.47
C ASN A 41 -4.80 -24.17 2.44
N ILE A 42 -4.90 -23.23 1.51
CA ILE A 42 -5.79 -23.42 0.36
C ILE A 42 -5.28 -24.59 -0.48
N PRO A 43 -6.13 -25.48 -0.97
CA PRO A 43 -5.62 -26.64 -1.70
C PRO A 43 -4.83 -26.23 -2.94
N ASP A 44 -3.75 -26.96 -3.18
CA ASP A 44 -3.00 -26.75 -4.40
C ASP A 44 -3.88 -27.11 -5.58
N GLY A 45 -3.74 -26.33 -6.65
CA GLY A 45 -4.59 -26.47 -7.81
C GLY A 45 -5.82 -25.60 -7.78
N THR A 46 -6.08 -24.91 -6.68
CA THR A 46 -7.20 -23.97 -6.63
C THR A 46 -6.90 -22.79 -7.54
N LYS A 47 -7.91 -22.37 -8.29
CA LYS A 47 -7.79 -21.28 -9.24
C LYS A 47 -8.65 -20.10 -8.82
N PHE A 48 -8.23 -18.92 -9.24
CA PHE A 48 -8.85 -17.68 -8.81
C PHE A 48 -9.08 -16.78 -10.00
N GLU A 49 -10.23 -16.11 -10.02
CA GLU A 49 -10.60 -15.22 -11.12
C GLU A 49 -11.37 -14.04 -10.56
N LYS A 50 -10.98 -12.82 -10.92
CA LYS A 50 -11.77 -11.69 -10.50
C LYS A 50 -13.11 -11.67 -11.22
N ASP A 51 -14.12 -11.15 -10.55
CA ASP A 51 -15.38 -10.85 -11.22
C ASP A 51 -15.07 -10.00 -12.46
N PRO A 52 -15.60 -10.36 -13.64
CA PRO A 52 -15.29 -9.57 -14.83
C PRO A 52 -15.75 -8.12 -14.76
N ASP A 53 -16.63 -7.78 -13.81
CA ASP A 53 -17.04 -6.39 -13.60
C ASP A 53 -16.13 -5.63 -12.64
N ALA A 54 -15.13 -6.29 -12.05
CA ALA A 54 -14.25 -5.61 -11.12
C ALA A 54 -13.40 -4.57 -11.85
N PRO A 55 -12.79 -3.64 -11.13
CA PRO A 55 -11.96 -2.63 -11.79
C PRO A 55 -10.81 -3.26 -12.56
N SER A 56 -10.42 -2.61 -13.66
CA SER A 56 -9.30 -3.10 -14.45
C SER A 56 -7.99 -3.07 -13.67
N TRP A 57 -7.89 -2.23 -12.65
CA TRP A 57 -6.66 -2.06 -11.87
C TRP A 57 -6.59 -2.96 -10.64
N VAL A 58 -7.54 -3.88 -10.51
CA VAL A 58 -7.46 -4.98 -9.56
C VAL A 58 -7.14 -6.24 -10.36
N GLU A 59 -6.14 -6.97 -9.95
CA GLU A 59 -5.79 -8.22 -10.59
C GLU A 59 -5.62 -9.29 -9.54
N VAL A 60 -5.90 -10.52 -9.95
N VAL A 60 -5.99 -10.52 -9.87
CA VAL A 60 -5.88 -11.68 -9.08
CA VAL A 60 -5.82 -11.65 -8.97
C VAL A 60 -4.99 -12.72 -9.73
C VAL A 60 -5.02 -12.73 -9.67
N ASP A 61 -3.96 -13.18 -9.01
CA ASP A 61 -3.11 -14.23 -9.56
C ASP A 61 -3.94 -15.49 -9.74
N PRO A 62 -3.94 -16.10 -10.93
CA PRO A 62 -4.85 -17.23 -11.17
C PRO A 62 -4.53 -18.45 -10.33
N ASN A 63 -3.27 -18.64 -9.95
CA ASN A 63 -2.86 -19.82 -9.21
C ASN A 63 -2.88 -19.60 -7.71
N THR A 64 -2.40 -18.43 -7.25
CA THR A 64 -2.22 -18.21 -5.82
C THR A 64 -3.32 -17.37 -5.19
N GLY A 65 -4.08 -16.63 -5.99
CA GLY A 65 -5.09 -15.75 -5.45
C GLY A 65 -4.59 -14.43 -4.92
N GLU A 66 -3.29 -14.15 -5.03
CA GLU A 66 -2.78 -12.88 -4.55
C GLU A 66 -3.39 -11.75 -5.37
N LEU A 67 -3.89 -10.74 -4.65
N LEU A 67 -3.83 -10.70 -4.68
CA LEU A 67 -4.39 -9.54 -5.30
CA LEU A 67 -4.49 -9.57 -5.31
C LEU A 67 -3.23 -8.60 -5.55
C LEU A 67 -3.48 -8.42 -5.44
N THR A 68 -3.33 -7.89 -6.65
CA THR A 68 -2.51 -6.70 -6.90
C THR A 68 -3.46 -5.58 -7.22
N VAL A 69 -3.37 -4.51 -6.46
CA VAL A 69 -4.29 -3.40 -6.56
C VAL A 69 -3.45 -2.16 -6.88
N ALA A 70 -3.63 -1.59 -8.08
CA ALA A 70 -2.75 -0.55 -8.60
C ALA A 70 -3.56 0.52 -9.33
N PRO A 71 -4.36 1.29 -8.61
CA PRO A 71 -5.17 2.31 -9.27
C PRO A 71 -4.28 3.35 -9.92
N PRO A 72 -4.53 3.70 -11.18
CA PRO A 72 -3.69 4.72 -11.81
C PRO A 72 -3.90 6.08 -11.18
N GLU A 73 -2.91 6.95 -11.39
CA GLU A 73 -3.16 8.37 -11.17
C GLU A 73 -4.44 8.78 -11.90
N GLY A 74 -5.21 9.65 -11.29
CA GLY A 74 -6.48 10.09 -11.85
C GLY A 74 -7.67 9.24 -11.45
N THR A 75 -7.45 8.15 -10.73
CA THR A 75 -8.56 7.33 -10.25
C THR A 75 -9.28 8.10 -9.15
N PRO A 76 -10.61 8.21 -9.20
CA PRO A 76 -11.30 8.90 -8.11
C PRO A 76 -11.19 8.15 -6.79
N SER A 77 -11.19 8.93 -5.71
CA SER A 77 -11.33 8.31 -4.41
C SER A 77 -12.71 7.68 -4.28
N GLY A 78 -12.82 6.71 -3.38
CA GLY A 78 -14.09 6.07 -3.14
C GLY A 78 -13.95 4.60 -2.84
N GLY A 79 -15.04 4.00 -2.38
CA GLY A 79 -15.06 2.61 -2.00
C GLY A 79 -15.55 1.70 -3.10
N HIS A 80 -15.08 0.46 -3.05
CA HIS A 80 -15.48 -0.60 -3.97
C HIS A 80 -15.68 -1.88 -3.19
N GLU A 81 -16.71 -2.64 -3.55
CA GLU A 81 -16.95 -3.98 -3.02
C GLU A 81 -16.81 -4.90 -4.23
N ILE A 82 -15.76 -5.71 -4.21
N ILE A 82 -15.75 -5.68 -4.27
CA ILE A 82 -15.36 -6.55 -5.34
CA ILE A 82 -15.49 -6.55 -5.42
C ILE A 82 -15.55 -8.01 -4.95
C ILE A 82 -15.57 -8.00 -4.97
N LYS A 83 -15.54 -8.89 -5.96
CA LYS A 83 -15.68 -10.32 -5.76
C LYS A 83 -14.59 -11.07 -6.51
N VAL A 84 -14.09 -12.14 -5.88
CA VAL A 84 -13.15 -13.07 -6.49
C VAL A 84 -13.78 -14.46 -6.47
N LYS A 85 -13.83 -15.12 -7.62
CA LYS A 85 -14.36 -16.47 -7.70
C LYS A 85 -13.22 -17.45 -7.51
N VAL A 86 -13.38 -18.33 -6.52
CA VAL A 86 -12.42 -19.37 -6.20
C VAL A 86 -12.99 -20.68 -6.72
N THR A 87 -12.22 -21.39 -7.54
CA THR A 87 -12.61 -22.71 -8.04
C THR A 87 -11.61 -23.73 -7.51
N TYR A 88 -12.08 -24.62 -6.66
CA TYR A 88 -11.26 -25.69 -6.11
C TYR A 88 -11.12 -26.80 -7.16
N PRO A 89 -10.12 -27.67 -6.99
CA PRO A 89 -9.86 -28.66 -8.04
C PRO A 89 -10.96 -29.70 -8.22
N ASP A 90 -11.88 -29.83 -7.26
CA ASP A 90 -13.06 -30.67 -7.44
C ASP A 90 -14.18 -29.95 -8.18
N GLY A 91 -13.92 -28.76 -8.69
CA GLY A 91 -14.92 -27.99 -9.40
C GLY A 91 -15.88 -27.22 -8.53
N SER A 92 -15.83 -27.36 -7.21
CA SER A 92 -16.66 -26.53 -6.35
C SER A 92 -16.11 -25.11 -6.33
N THR A 93 -16.98 -24.17 -5.97
CA THR A 93 -16.63 -22.77 -6.06
C THR A 93 -17.08 -22.00 -4.83
N ASP A 94 -16.40 -20.89 -4.58
N ASP A 94 -16.48 -20.83 -4.65
CA ASP A 94 -16.77 -19.91 -3.57
CA ASP A 94 -16.82 -19.91 -3.58
C ASP A 94 -16.65 -18.54 -4.22
C ASP A 94 -16.56 -18.50 -4.07
N GLU A 95 -17.50 -17.60 -3.78
CA GLU A 95 -17.36 -16.20 -4.13
C GLU A 95 -16.87 -15.47 -2.89
N VAL A 96 -15.75 -14.77 -3.01
CA VAL A 96 -15.04 -14.19 -1.87
C VAL A 96 -14.98 -12.69 -2.07
N PRO A 97 -15.47 -11.88 -1.14
CA PRO A 97 -15.46 -10.43 -1.33
C PRO A 97 -14.13 -9.81 -0.95
N VAL A 98 -13.86 -8.64 -1.53
CA VAL A 98 -12.78 -7.78 -1.08
C VAL A 98 -13.30 -6.36 -1.06
N THR A 99 -13.04 -5.64 0.02
CA THR A 99 -13.35 -4.22 0.11
C THR A 99 -12.09 -3.45 -0.27
N VAL A 100 -12.21 -2.60 -1.27
CA VAL A 100 -11.11 -1.79 -1.77
C VAL A 100 -11.50 -0.32 -1.69
N LYS A 101 -10.76 0.44 -0.89
CA LYS A 101 -10.94 1.87 -0.76
C LYS A 101 -9.81 2.55 -1.52
N VAL A 102 -10.15 3.45 -2.42
CA VAL A 102 -9.17 4.36 -3.01
C VAL A 102 -9.21 5.63 -2.19
N SER A 103 -8.10 5.93 -1.54
CA SER A 103 -7.99 7.11 -0.69
C SER A 103 -7.46 8.27 -1.50
N ASP A 104 -7.70 9.47 -1.00
CA ASP A 104 -7.19 10.64 -1.65
C ASP A 104 -5.66 10.57 -1.79
N PRO A 105 -5.09 11.11 -2.88
CA PRO A 105 -3.64 11.02 -3.09
C PRO A 105 -2.80 11.71 -2.04
N THR A 106 -3.29 12.76 -1.40
CA THR A 106 -2.43 13.49 -0.49
C THR A 106 -3.07 13.79 0.86
N THR A 107 -4.38 13.91 0.91
CA THR A 107 -5.00 14.60 2.03
C THR A 107 -6.28 13.89 2.42
N PRO A 108 -6.29 13.14 3.54
N PRO A 108 -6.32 13.19 3.57
CA PRO A 108 -7.50 12.37 3.90
CA PRO A 108 -7.54 12.48 3.99
C PRO A 108 -8.72 13.24 4.18
C PRO A 108 -8.74 13.40 4.12
N GLY B 5 16.97 32.37 12.52
CA GLY B 5 16.19 33.53 12.10
C GLY B 5 15.89 33.53 10.63
N GLN B 6 16.02 32.37 10.01
CA GLN B 6 15.81 32.20 8.58
C GLN B 6 14.50 31.45 8.37
N THR B 7 14.18 31.19 7.10
CA THR B 7 12.87 30.63 6.80
C THR B 7 12.67 29.26 7.45
N ALA B 8 13.73 28.46 7.57
CA ALA B 8 13.60 27.13 8.15
C ALA B 8 13.06 27.19 9.57
N ASP B 9 13.31 28.28 10.29
CA ASP B 9 12.81 28.41 11.66
C ASP B 9 11.30 28.58 11.74
N ASP B 10 10.63 28.88 10.62
CA ASP B 10 9.19 29.12 10.60
C ASP B 10 8.40 27.97 10.02
N HIS B 11 9.04 26.83 9.74
CA HIS B 11 8.39 25.71 9.07
C HIS B 11 8.88 24.39 9.65
N ASN B 12 7.96 23.45 9.72
CA ASN B 12 8.17 22.16 10.37
C ASN B 12 7.45 21.09 9.57
N PRO B 13 8.03 20.67 8.45
CA PRO B 13 7.40 19.59 7.67
C PRO B 13 7.42 18.30 8.47
N LYS B 14 6.38 17.49 8.27
CA LYS B 14 6.20 16.27 9.04
C LYS B 14 5.62 15.17 8.16
N TYR B 15 6.26 14.00 8.21
CA TYR B 15 5.81 12.82 7.49
C TYR B 15 5.32 11.75 8.44
N GLU B 16 4.22 11.09 8.08
N GLU B 16 4.22 11.09 8.07
CA GLU B 16 3.85 9.88 8.77
CA GLU B 16 3.84 9.88 8.77
C GLU B 16 4.93 8.82 8.58
C GLU B 16 4.85 8.77 8.51
N ASP B 17 4.87 7.79 9.42
CA ASP B 17 5.65 6.59 9.19
C ASP B 17 5.05 5.80 8.02
N VAL B 18 5.90 5.15 7.25
CA VAL B 18 5.47 4.34 6.13
C VAL B 18 5.54 2.88 6.54
N ASP B 19 4.55 2.09 6.11
CA ASP B 19 4.56 0.64 6.29
C ASP B 19 4.24 0.02 4.94
N VAL B 20 5.14 -0.82 4.43
CA VAL B 20 5.05 -1.30 3.05
C VAL B 20 5.71 -2.68 3.00
N LYS B 21 5.16 -3.58 2.19
CA LYS B 21 5.77 -4.89 2.03
C LYS B 21 6.67 -4.92 0.80
N PRO B 22 7.69 -5.79 0.78
CA PRO B 22 8.49 -5.95 -0.44
C PRO B 22 7.60 -6.26 -1.62
N GLY B 23 7.82 -5.52 -2.72
CA GLY B 23 6.99 -5.61 -3.92
C GLY B 23 5.87 -4.61 -4.00
N GLU B 24 5.56 -3.91 -2.91
CA GLU B 24 4.53 -2.87 -2.91
C GLU B 24 5.16 -1.51 -3.11
N THR B 25 4.32 -0.53 -3.49
CA THR B 25 4.73 0.86 -3.62
C THR B 25 3.73 1.71 -2.85
N ASN B 26 4.21 2.47 -1.86
CA ASN B 26 3.37 3.35 -1.09
C ASN B 26 3.90 4.77 -1.18
N LYS B 27 3.00 5.72 -1.00
CA LYS B 27 3.31 7.15 -1.10
C LYS B 27 2.78 7.87 0.14
N VAL B 28 3.54 8.85 0.61
N VAL B 28 3.54 8.87 0.57
CA VAL B 28 3.09 9.72 1.69
CA VAL B 28 3.18 9.71 1.72
C VAL B 28 3.55 11.15 1.40
C VAL B 28 3.58 11.15 1.43
N THR B 29 2.72 12.10 1.81
CA THR B 29 3.04 13.50 1.62
C THR B 29 3.13 14.21 2.96
N PRO B 30 4.01 15.18 3.11
CA PRO B 30 4.17 15.84 4.40
C PRO B 30 3.09 16.88 4.64
N THR B 31 2.92 17.19 5.92
CA THR B 31 2.11 18.32 6.36
C THR B 31 3.03 19.31 7.07
N ASN B 32 2.58 20.54 7.26
CA ASN B 32 3.46 21.58 7.75
C ASN B 32 2.78 22.44 8.80
N THR B 33 3.58 22.87 9.78
CA THR B 33 3.17 23.83 10.79
C THR B 33 4.29 24.83 11.01
N ASP B 34 3.92 25.97 11.59
CA ASP B 34 4.82 27.08 11.80
C ASP B 34 5.52 26.93 13.16
N LYS B 35 6.22 27.99 13.60
CA LYS B 35 7.03 27.90 14.81
C LYS B 35 6.19 27.67 16.05
N ASP B 36 4.88 27.96 16.00
CA ASP B 36 3.98 27.77 17.12
C ASP B 36 3.11 26.53 16.96
N GLY B 37 3.39 25.69 15.97
CA GLY B 37 2.65 24.47 15.79
C GLY B 37 1.34 24.63 15.06
N ASN B 38 1.10 25.80 14.47
CA ASN B 38 -0.15 26.06 13.78
C ASN B 38 0.00 25.76 12.28
N PRO B 39 -1.07 25.39 11.59
CA PRO B 39 -0.93 25.05 10.17
C PRO B 39 -0.37 26.21 9.36
N ALA B 40 0.47 25.88 8.39
CA ALA B 40 1.07 26.88 7.52
C ALA B 40 1.45 26.22 6.21
N ASN B 41 1.26 26.92 5.11
CA ASN B 41 1.70 26.39 3.82
C ASN B 41 3.21 26.48 3.71
N ILE B 42 3.80 25.44 3.12
CA ILE B 42 5.23 25.44 2.77
C ILE B 42 5.49 26.57 1.78
N PRO B 43 6.56 27.37 1.96
CA PRO B 43 6.79 28.49 1.04
C PRO B 43 6.92 28.06 -0.41
N ASP B 44 6.35 28.87 -1.27
CA ASP B 44 6.46 28.69 -2.71
C ASP B 44 7.93 28.66 -3.11
N GLY B 45 8.31 27.62 -3.86
CA GLY B 45 9.68 27.46 -4.30
C GLY B 45 10.54 26.59 -3.40
N THR B 46 10.02 26.13 -2.27
CA THR B 46 10.74 25.19 -1.44
C THR B 46 11.00 23.92 -2.22
N LYS B 47 12.18 23.32 -2.01
CA LYS B 47 12.56 22.07 -2.64
C LYS B 47 12.76 21.00 -1.57
N PHE B 48 12.41 19.78 -1.92
CA PHE B 48 12.55 18.61 -1.06
C PHE B 48 13.43 17.61 -1.80
N GLU B 49 14.37 16.97 -1.10
CA GLU B 49 15.23 16.00 -1.76
C GLU B 49 15.66 14.90 -0.79
N LYS B 50 15.94 13.73 -1.36
CA LYS B 50 16.61 12.69 -0.59
C LYS B 50 18.12 12.90 -0.63
N ASP B 51 18.79 12.30 0.34
CA ASP B 51 20.24 12.31 0.37
C ASP B 51 20.77 11.42 -0.76
N PRO B 52 21.88 11.80 -1.40
CA PRO B 52 22.47 10.92 -2.43
C PRO B 52 22.76 9.52 -1.95
N ASP B 53 22.98 9.34 -0.65
CA ASP B 53 23.34 8.05 -0.09
C ASP B 53 22.15 7.33 0.56
N ALA B 54 20.95 7.89 0.42
CA ALA B 54 19.74 7.18 0.83
C ALA B 54 19.46 6.06 -0.17
N PRO B 55 18.56 5.14 0.17
CA PRO B 55 18.36 3.97 -0.69
C PRO B 55 17.75 4.33 -2.04
N SER B 56 18.04 3.46 -3.02
CA SER B 56 17.59 3.66 -4.39
C SER B 56 16.08 3.58 -4.50
N TRP B 57 15.42 2.86 -3.59
CA TRP B 57 14.02 2.51 -3.69
C TRP B 57 13.11 3.50 -2.99
N VAL B 58 13.64 4.64 -2.55
N VAL B 58 13.65 4.67 -2.63
CA VAL B 58 12.80 5.76 -2.13
CA VAL B 58 12.91 5.79 -2.10
C VAL B 58 13.08 6.92 -3.07
C VAL B 58 13.11 6.96 -3.06
N GLU B 59 12.04 7.68 -3.37
CA GLU B 59 12.16 8.88 -4.18
C GLU B 59 11.27 9.96 -3.61
N VAL B 60 11.69 11.22 -3.80
CA VAL B 60 11.03 12.39 -3.23
C VAL B 60 10.64 13.34 -4.34
N ASP B 61 9.38 13.74 -4.37
CA ASP B 61 8.93 14.76 -5.32
C ASP B 61 9.51 16.11 -4.88
N PRO B 62 10.27 16.80 -5.74
CA PRO B 62 10.98 17.99 -5.28
C PRO B 62 10.09 19.17 -4.92
N ASN B 63 8.85 19.21 -5.43
CA ASN B 63 7.96 20.32 -5.17
C ASN B 63 6.99 20.06 -4.03
N THR B 64 6.42 18.87 -3.92
CA THR B 64 5.45 18.57 -2.88
C THR B 64 6.08 17.86 -1.68
N GLY B 65 7.25 17.26 -1.85
CA GLY B 65 7.82 16.43 -0.82
C GLY B 65 7.26 15.04 -0.75
N GLU B 66 6.35 14.67 -1.64
CA GLU B 66 5.81 13.31 -1.61
C GLU B 66 6.93 12.29 -1.67
N LEU B 67 6.87 11.33 -0.76
CA LEU B 67 7.83 10.24 -0.69
C LEU B 67 7.19 8.98 -1.24
N THR B 68 7.83 8.38 -2.25
CA THR B 68 7.42 7.10 -2.81
C THR B 68 8.42 6.04 -2.39
N VAL B 69 7.91 4.95 -1.84
CA VAL B 69 8.73 3.89 -1.26
C VAL B 69 8.35 2.58 -1.92
N ALA B 70 9.33 1.89 -2.50
CA ALA B 70 9.09 0.67 -3.27
C ALA B 70 10.18 -0.35 -2.97
N PRO B 71 10.13 -0.97 -1.81
CA PRO B 71 11.15 -1.98 -1.48
C PRO B 71 11.08 -3.12 -2.50
N PRO B 72 12.21 -3.58 -3.04
CA PRO B 72 12.14 -4.57 -4.11
C PRO B 72 11.58 -5.90 -3.65
N GLU B 73 10.77 -6.51 -4.51
CA GLU B 73 10.43 -7.92 -4.34
C GLU B 73 11.71 -8.74 -4.17
N GLY B 74 11.67 -9.69 -3.24
CA GLY B 74 12.80 -10.56 -3.01
C GLY B 74 13.79 -10.05 -1.98
N THR B 75 13.47 -8.98 -1.29
CA THR B 75 14.28 -8.45 -0.20
C THR B 75 13.53 -8.59 1.11
N PRO B 76 14.21 -8.49 2.25
CA PRO B 76 13.57 -8.85 3.51
C PRO B 76 12.93 -7.65 4.21
N SER B 77 12.17 -7.97 5.26
CA SER B 77 11.59 -6.97 6.11
C SER B 77 12.64 -6.34 7.01
N GLY B 78 12.30 -5.19 7.56
CA GLY B 78 13.18 -4.48 8.44
C GLY B 78 12.79 -3.02 8.56
N GLY B 79 13.38 -2.35 9.54
CA GLY B 79 13.18 -0.94 9.72
C GLY B 79 14.23 -0.10 8.99
N HIS B 80 13.80 1.06 8.53
CA HIS B 80 14.64 1.98 7.79
C HIS B 80 14.35 3.40 8.24
N GLU B 81 15.35 4.25 8.12
CA GLU B 81 15.21 5.66 8.44
C GLU B 81 15.94 6.48 7.39
N ILE B 82 15.32 7.58 7.00
CA ILE B 82 15.94 8.54 6.09
C ILE B 82 15.67 9.94 6.63
N LYS B 83 16.33 10.93 6.05
CA LYS B 83 16.05 12.33 6.32
C LYS B 83 15.83 13.01 4.98
N VAL B 84 14.70 13.70 4.85
CA VAL B 84 14.41 14.50 3.67
C VAL B 84 14.97 15.89 3.90
N LYS B 85 15.81 16.36 2.98
CA LYS B 85 16.37 17.70 3.06
C LYS B 85 15.41 18.68 2.41
N VAL B 86 14.99 19.67 3.18
CA VAL B 86 14.06 20.68 2.73
C VAL B 86 14.85 21.97 2.62
N THR B 87 14.92 22.53 1.41
CA THR B 87 15.64 23.77 1.14
C THR B 87 14.61 24.86 0.84
N TYR B 88 14.53 25.83 1.72
CA TYR B 88 13.59 26.93 1.56
C TYR B 88 14.17 27.97 0.60
N PRO B 89 13.35 28.89 0.12
CA PRO B 89 13.81 29.77 -0.97
C PRO B 89 15.00 30.64 -0.58
N ASP B 90 15.20 30.93 0.71
CA ASP B 90 16.38 31.67 1.16
C ASP B 90 17.60 30.79 1.34
N GLY B 91 17.51 29.51 0.98
CA GLY B 91 18.62 28.60 1.11
C GLY B 91 18.78 27.94 2.47
N SER B 92 18.01 28.35 3.46
CA SER B 92 18.03 27.65 4.74
C SER B 92 17.42 26.26 4.57
N THR B 93 17.76 25.36 5.49
CA THR B 93 17.37 23.97 5.33
C THR B 93 16.86 23.37 6.63
N ASP B 94 15.99 22.39 6.48
CA ASP B 94 15.60 21.48 7.54
C ASP B 94 15.91 20.06 7.07
N GLU B 95 16.26 19.21 8.02
CA GLU B 95 16.40 17.77 7.79
C GLU B 95 15.26 17.10 8.50
N VAL B 96 14.39 16.46 7.74
CA VAL B 96 13.10 15.98 8.24
C VAL B 96 13.14 14.46 8.31
N PRO B 97 12.95 13.85 9.49
CA PRO B 97 13.10 12.40 9.60
C PRO B 97 11.87 11.66 9.10
N VAL B 98 12.10 10.49 8.52
CA VAL B 98 11.03 9.59 8.12
C VAL B 98 11.44 8.17 8.52
N THR B 99 10.54 7.45 9.16
CA THR B 99 10.70 6.02 9.40
C THR B 99 9.90 5.23 8.38
N VAL B 100 10.56 4.24 7.78
CA VAL B 100 9.97 3.36 6.80
C VAL B 100 10.10 1.94 7.32
N LYS B 101 8.98 1.31 7.63
CA LYS B 101 8.94 -0.08 8.04
C LYS B 101 8.62 -0.92 6.82
N VAL B 102 9.54 -1.79 6.44
CA VAL B 102 9.27 -2.80 5.43
C VAL B 102 8.74 -4.01 6.18
N SER B 103 7.47 -4.34 5.97
N SER B 103 7.46 -4.32 5.99
CA SER B 103 6.79 -5.38 6.72
CA SER B 103 6.83 -5.39 6.74
C SER B 103 7.04 -6.74 6.08
C SER B 103 7.14 -6.74 6.12
N ASP B 104 6.85 -7.79 6.89
CA ASP B 104 7.05 -9.15 6.40
C ASP B 104 6.15 -9.43 5.20
N PRO B 105 6.67 -10.02 4.13
CA PRO B 105 5.80 -10.49 3.05
C PRO B 105 4.83 -11.55 3.57
N THR B 106 3.67 -11.62 2.93
CA THR B 106 2.65 -12.59 3.32
C THR B 106 2.50 -13.76 2.36
N THR B 107 3.18 -13.75 1.22
CA THR B 107 2.99 -14.79 0.24
C THR B 107 3.43 -16.15 0.78
N PRO B 108 2.69 -17.24 0.47
CA PRO B 108 3.15 -18.60 0.78
C PRO B 108 4.21 -19.09 -0.21
#